data_1XZK
#
_entry.id   1XZK
#
_cell.length_a   37.200
_cell.length_b   94.800
_cell.length_c   55.000
_cell.angle_alpha   90.00
_cell.angle_beta   101.30
_cell.angle_gamma   90.00
#
_symmetry.space_group_name_H-M   'P 1 21 1'
#
loop_
_entity.id
_entity.type
_entity.pdbx_description
1 polymer CUTINASE
2 non-polymer 'DIISOPROPYL PHOSPHONATE'
3 water water
#
_entity_poly.entity_id   1
_entity_poly.type   'polypeptide(L)'
_entity_poly.pdbx_seq_one_letter_code
;LPTSNPAQELEARQLERTTRDDLINGNSASCADVIFIYARGSTETGNLGTLGPSIASNLESAFGKDGVWIQGVGGAYRAT
LGDNALPRGTSSAAIREMLGLFQQANTKCPDATLIAGGYSQGAALAAASIEDLDSAIRDKIAGTVLFGYTKNLQNRGRIP
NYPADRTKVFCNTGDLVCTGSLIVAAPHLAYGPDARGPAPEFLIEKVRAVRGSA
;
_entity_poly.pdbx_strand_id   A,B
#
# COMPACT_ATOMS: atom_id res chain seq x y z
N ARG A 17 3.41 -6.88 -18.55
CA ARG A 17 4.38 -7.46 -17.57
C ARG A 17 3.72 -7.98 -16.28
N THR A 18 2.89 -7.14 -15.65
CA THR A 18 2.19 -7.48 -14.41
C THR A 18 0.84 -8.18 -14.60
N THR A 19 0.47 -8.44 -15.85
CA THR A 19 -0.79 -9.11 -16.17
C THR A 19 -0.51 -10.19 -17.19
N ARG A 20 -0.82 -11.43 -16.82
CA ARG A 20 -0.64 -12.59 -17.69
C ARG A 20 -1.89 -13.45 -17.53
N ASP A 21 -2.55 -13.73 -18.65
CA ASP A 21 -3.77 -14.54 -18.72
C ASP A 21 -3.60 -15.68 -19.72
N ASP A 22 -2.42 -16.29 -19.75
CA ASP A 22 -2.12 -17.38 -20.69
C ASP A 22 -3.11 -18.53 -20.63
N LEU A 23 -3.49 -18.96 -19.42
CA LEU A 23 -4.46 -20.04 -19.30
C LEU A 23 -5.82 -19.59 -19.82
N ILE A 24 -6.30 -18.44 -19.34
CA ILE A 24 -7.61 -17.92 -19.76
C ILE A 24 -7.69 -17.76 -21.27
N ASN A 25 -6.60 -17.32 -21.89
CA ASN A 25 -6.59 -17.10 -23.32
C ASN A 25 -6.18 -18.33 -24.13
N GLY A 26 -5.82 -19.41 -23.44
CA GLY A 26 -5.39 -20.61 -24.15
C GLY A 26 -6.50 -21.58 -24.50
N ASN A 27 -6.13 -22.67 -25.16
CA ASN A 27 -7.06 -23.74 -25.53
C ASN A 27 -6.29 -25.05 -25.69
N SER A 28 -7.03 -26.16 -25.76
CA SER A 28 -6.45 -27.50 -25.90
C SER A 28 -5.46 -27.63 -27.05
N ALA A 29 -5.75 -26.99 -28.17
CA ALA A 29 -4.88 -27.07 -29.33
C ALA A 29 -3.50 -26.48 -29.09
N SER A 30 -3.42 -25.46 -28.24
CA SER A 30 -2.12 -24.84 -28.00
C SER A 30 -1.57 -25.07 -26.60
N CYS A 31 -2.14 -26.02 -25.87
CA CYS A 31 -1.69 -26.33 -24.51
C CYS A 31 -0.20 -26.32 -24.28
N ALA A 32 0.23 -25.70 -23.19
CA ALA A 32 1.65 -25.68 -22.81
C ALA A 32 1.83 -26.94 -21.99
N ASP A 33 3.07 -27.32 -21.73
CA ASP A 33 3.36 -28.50 -20.93
C ASP A 33 3.37 -28.21 -19.42
N VAL A 34 3.57 -26.94 -19.09
CA VAL A 34 3.63 -26.49 -17.71
C VAL A 34 2.73 -25.25 -17.54
N ILE A 35 1.90 -25.24 -16.50
CA ILE A 35 0.99 -24.12 -16.22
C ILE A 35 1.23 -23.64 -14.79
N PHE A 36 1.58 -22.36 -14.67
CA PHE A 36 1.88 -21.75 -13.39
C PHE A 36 0.74 -20.80 -13.03
N ILE A 37 0.13 -21.00 -11.87
CA ILE A 37 -0.97 -20.16 -11.43
C ILE A 37 -0.43 -19.42 -10.21
N TYR A 38 -0.52 -18.10 -10.23
CA TYR A 38 0.05 -17.29 -9.17
C TYR A 38 -0.90 -16.21 -8.65
N ALA A 39 -0.85 -16.00 -7.34
CA ALA A 39 -1.69 -15.04 -6.64
C ALA A 39 -0.84 -13.94 -5.98
N ARG A 40 -1.14 -12.69 -6.33
CA ARG A 40 -0.42 -11.52 -5.84
C ARG A 40 -0.75 -11.11 -4.39
N GLY A 41 0.00 -10.13 -3.89
CA GLY A 41 -0.20 -9.64 -2.54
C GLY A 41 -1.24 -8.54 -2.47
N SER A 42 -1.66 -8.21 -1.26
CA SER A 42 -2.66 -7.17 -1.07
C SER A 42 -2.17 -5.86 -1.71
N THR A 43 -3.08 -5.21 -2.43
CA THR A 43 -2.87 -3.95 -3.14
C THR A 43 -1.94 -4.00 -4.33
N GLU A 44 -1.45 -5.17 -4.72
CA GLU A 44 -0.56 -5.23 -5.88
C GLU A 44 -1.30 -5.07 -7.22
N THR A 45 -0.55 -4.61 -8.22
CA THR A 45 -1.04 -4.33 -9.57
C THR A 45 -1.17 -5.57 -10.45
N GLY A 46 -2.04 -5.44 -11.47
CA GLY A 46 -2.30 -6.51 -12.42
C GLY A 46 -2.69 -7.77 -11.69
N ASN A 47 -2.33 -8.93 -12.22
CA ASN A 47 -2.65 -10.17 -11.50
C ASN A 47 -1.39 -10.89 -11.04
N LEU A 48 -0.23 -10.29 -11.32
CA LEU A 48 1.06 -10.87 -10.91
C LEU A 48 1.81 -10.05 -9.86
N GLY A 49 1.49 -8.75 -9.73
CA GLY A 49 2.20 -7.93 -8.76
C GLY A 49 3.70 -7.79 -9.05
N THR A 50 4.49 -7.56 -8.01
CA THR A 50 5.93 -7.39 -8.18
C THR A 50 6.77 -8.66 -8.36
N LEU A 51 6.38 -9.74 -7.69
CA LEU A 51 7.16 -10.98 -7.74
C LEU A 51 6.85 -11.92 -8.89
N GLY A 52 5.58 -11.98 -9.28
CA GLY A 52 5.15 -12.87 -10.34
C GLY A 52 5.91 -12.83 -11.66
N PRO A 53 6.16 -11.63 -12.23
CA PRO A 53 6.89 -11.54 -13.50
C PRO A 53 8.32 -12.08 -13.46
N SER A 54 9.02 -11.91 -12.33
CA SER A 54 10.39 -12.42 -12.20
C SER A 54 10.40 -13.94 -12.29
N ILE A 55 9.45 -14.57 -11.60
CA ILE A 55 9.35 -16.02 -11.61
C ILE A 55 9.10 -16.44 -13.05
N ALA A 56 8.15 -15.75 -13.68
CA ALA A 56 7.76 -16.01 -15.06
C ALA A 56 8.94 -15.97 -16.01
N SER A 57 9.80 -14.95 -15.91
CA SER A 57 10.98 -14.84 -16.79
C SER A 57 11.88 -16.08 -16.72
N ASN A 58 12.05 -16.59 -15.50
CA ASN A 58 12.88 -17.75 -15.25
C ASN A 58 12.25 -18.99 -15.86
N LEU A 59 10.96 -19.16 -15.62
CA LEU A 59 10.25 -20.32 -16.15
C LEU A 59 10.36 -20.35 -17.67
N GLU A 60 10.14 -19.19 -18.29
CA GLU A 60 10.20 -19.05 -19.76
C GLU A 60 11.56 -19.33 -20.37
N SER A 61 12.61 -19.15 -19.60
CA SER A 61 13.95 -19.44 -20.11
C SER A 61 14.15 -20.95 -20.03
N ALA A 62 13.71 -21.56 -18.92
CA ALA A 62 13.85 -23.00 -18.72
C ALA A 62 13.01 -23.81 -19.72
N PHE A 63 11.74 -23.49 -19.83
CA PHE A 63 10.87 -24.15 -20.78
C PHE A 63 10.84 -23.02 -21.77
N GLY A 64 10.44 -23.21 -23.01
CA GLY A 64 10.45 -22.03 -23.85
C GLY A 64 9.22 -21.22 -23.54
N LYS A 65 9.04 -20.10 -24.23
CA LYS A 65 7.84 -19.28 -24.05
C LYS A 65 6.63 -20.17 -24.36
N ASP A 66 6.80 -21.10 -25.30
CA ASP A 66 5.74 -22.01 -25.73
C ASP A 66 5.56 -23.17 -24.78
N GLY A 67 6.57 -23.45 -23.96
CA GLY A 67 6.47 -24.57 -23.07
C GLY A 67 5.87 -24.28 -21.71
N VAL A 68 5.44 -23.04 -21.49
CA VAL A 68 4.88 -22.66 -20.19
C VAL A 68 3.82 -21.58 -20.25
N TRP A 69 2.72 -21.78 -19.52
CA TRP A 69 1.63 -20.80 -19.45
C TRP A 69 1.67 -20.13 -18.05
N ILE A 70 1.67 -18.80 -18.05
CA ILE A 70 1.66 -18.02 -16.80
C ILE A 70 0.27 -17.41 -16.63
N GLN A 71 -0.33 -17.64 -15.47
CA GLN A 71 -1.67 -17.16 -15.16
C GLN A 71 -1.75 -16.55 -13.75
N GLY A 72 -2.09 -15.27 -13.65
CA GLY A 72 -2.22 -14.68 -12.33
C GLY A 72 -3.66 -14.87 -11.85
N VAL A 73 -3.87 -14.79 -10.55
CA VAL A 73 -5.24 -14.95 -10.06
C VAL A 73 -5.94 -13.58 -10.04
N GLY A 74 -6.91 -13.42 -10.93
CA GLY A 74 -7.65 -12.17 -10.99
C GLY A 74 -9.09 -12.38 -10.57
N GLY A 75 -10.02 -11.94 -11.40
CA GLY A 75 -11.44 -12.09 -11.13
C GLY A 75 -11.90 -11.60 -9.77
N ALA A 76 -12.54 -12.49 -9.03
CA ALA A 76 -13.04 -12.21 -7.69
C ALA A 76 -11.91 -11.88 -6.71
N TYR A 77 -10.65 -12.19 -7.07
CA TYR A 77 -9.54 -11.88 -6.19
C TYR A 77 -9.13 -10.42 -6.34
N ARG A 78 -9.56 -9.62 -5.38
CA ARG A 78 -9.31 -8.19 -5.35
C ARG A 78 -8.05 -7.76 -4.54
N ALA A 79 -7.49 -8.68 -3.76
CA ALA A 79 -6.28 -8.41 -2.96
C ALA A 79 -6.50 -7.22 -2.02
N THR A 80 -7.59 -7.33 -1.27
CA THR A 80 -8.04 -6.34 -0.30
C THR A 80 -7.30 -6.46 1.01
N LEU A 81 -6.91 -5.33 1.58
CA LEU A 81 -6.19 -5.31 2.83
C LEU A 81 -7.06 -5.88 3.96
N GLY A 82 -8.36 -5.62 3.89
CA GLY A 82 -9.28 -6.10 4.91
C GLY A 82 -9.47 -7.60 4.96
N ASP A 83 -9.45 -8.25 3.79
CA ASP A 83 -9.65 -9.69 3.68
C ASP A 83 -8.65 -10.56 4.44
N ASN A 84 -7.48 -9.99 4.75
CA ASN A 84 -6.46 -10.71 5.49
C ASN A 84 -6.97 -11.13 6.88
N ALA A 85 -7.96 -10.41 7.39
CA ALA A 85 -8.52 -10.67 8.71
C ALA A 85 -9.58 -11.77 8.74
N LEU A 86 -10.00 -12.18 7.53
CA LEU A 86 -10.99 -13.27 7.48
C LEU A 86 -10.32 -14.56 7.99
N PRO A 87 -11.10 -15.57 8.42
CA PRO A 87 -10.56 -16.78 9.02
C PRO A 87 -9.45 -17.46 8.23
N ARG A 88 -9.48 -17.53 6.94
CA ARG A 88 -8.37 -18.24 6.24
C ARG A 88 -7.42 -17.27 5.52
N GLY A 89 -7.35 -16.01 5.93
CA GLY A 89 -6.38 -15.10 5.35
C GLY A 89 -6.81 -14.44 4.05
N THR A 90 -8.00 -14.77 3.56
CA THR A 90 -8.54 -14.20 2.34
C THR A 90 -10.02 -14.54 2.28
N SER A 91 -10.75 -13.97 1.34
CA SER A 91 -12.18 -14.25 1.23
C SER A 91 -12.46 -15.59 0.60
N SER A 92 -13.61 -16.18 0.90
CA SER A 92 -13.95 -17.45 0.30
C SER A 92 -14.21 -17.26 -1.20
N ALA A 93 -14.56 -16.04 -1.60
CA ALA A 93 -14.78 -15.76 -3.03
C ALA A 93 -13.46 -15.88 -3.81
N ALA A 94 -12.36 -15.36 -3.25
CA ALA A 94 -11.05 -15.45 -3.90
C ALA A 94 -10.64 -16.91 -3.97
N ILE A 95 -10.88 -17.66 -2.89
CA ILE A 95 -10.53 -19.09 -2.88
C ILE A 95 -11.24 -19.81 -4.04
N ARG A 96 -12.51 -19.49 -4.28
CA ARG A 96 -13.24 -20.11 -5.38
C ARG A 96 -12.70 -19.74 -6.78
N GLU A 97 -12.11 -18.55 -6.89
CA GLU A 97 -11.52 -18.08 -8.14
C GLU A 97 -10.28 -18.92 -8.48
N MET A 98 -9.34 -19.00 -7.55
CA MET A 98 -8.12 -19.77 -7.78
C MET A 98 -8.42 -21.26 -8.03
N LEU A 99 -9.35 -21.81 -7.25
CA LEU A 99 -9.78 -23.21 -7.37
C LEU A 99 -10.32 -23.44 -8.78
N GLY A 100 -11.06 -22.44 -9.27
CA GLY A 100 -11.63 -22.48 -10.61
C GLY A 100 -10.57 -22.42 -11.71
N LEU A 101 -9.43 -21.79 -11.41
CA LEU A 101 -8.35 -21.72 -12.38
C LEU A 101 -7.67 -23.10 -12.45
N PHE A 102 -7.54 -23.78 -11.31
CA PHE A 102 -6.92 -25.12 -11.30
C PHE A 102 -7.79 -26.08 -12.08
N GLN A 103 -9.10 -25.95 -11.91
CA GLN A 103 -10.06 -26.80 -12.62
C GLN A 103 -9.98 -26.56 -14.11
N GLN A 104 -9.86 -25.30 -14.51
CA GLN A 104 -9.76 -24.93 -15.93
C GLN A 104 -8.48 -25.46 -16.58
N ALA A 105 -7.38 -25.43 -15.86
CA ALA A 105 -6.11 -25.96 -16.37
C ALA A 105 -6.26 -27.45 -16.62
N ASN A 106 -6.90 -28.15 -15.68
CA ASN A 106 -7.12 -29.57 -15.80
C ASN A 106 -8.01 -29.93 -16.97
N THR A 107 -9.01 -29.10 -17.21
CA THR A 107 -9.94 -29.30 -18.30
C THR A 107 -9.28 -29.04 -19.65
N LYS A 108 -8.67 -27.87 -19.79
CA LYS A 108 -8.01 -27.52 -21.04
C LYS A 108 -6.81 -28.37 -21.36
N CYS A 109 -5.98 -28.60 -20.36
CA CYS A 109 -4.75 -29.35 -20.57
C CYS A 109 -4.46 -30.44 -19.53
N PRO A 110 -5.21 -31.58 -19.54
CA PRO A 110 -5.03 -32.68 -18.59
C PRO A 110 -3.60 -33.24 -18.50
N ASP A 111 -2.85 -33.09 -19.60
CA ASP A 111 -1.48 -33.56 -19.69
C ASP A 111 -0.44 -32.62 -19.07
N ALA A 112 -0.83 -31.38 -18.78
CA ALA A 112 0.11 -30.39 -18.22
C ALA A 112 0.43 -30.62 -16.76
N THR A 113 1.65 -30.25 -16.40
CA THR A 113 2.10 -30.34 -15.02
C THR A 113 1.78 -28.95 -14.45
N LEU A 114 1.23 -28.89 -13.25
CA LEU A 114 0.89 -27.60 -12.65
C LEU A 114 1.87 -27.18 -11.56
N ILE A 115 2.07 -25.86 -11.44
CA ILE A 115 2.92 -25.28 -10.38
C ILE A 115 2.19 -24.04 -9.92
N ALA A 116 2.42 -23.66 -8.67
CA ALA A 116 1.71 -22.52 -8.11
C ALA A 116 2.56 -21.70 -7.17
N GLY A 117 2.07 -20.51 -6.85
CA GLY A 117 2.78 -19.63 -5.94
C GLY A 117 1.88 -18.50 -5.46
N GLY A 118 2.29 -17.86 -4.37
CA GLY A 118 1.52 -16.75 -3.84
C GLY A 118 2.38 -15.90 -2.92
N TYR A 119 2.03 -14.61 -2.81
CA TYR A 119 2.78 -13.69 -1.95
C TYR A 119 1.82 -13.03 -0.95
N SER A 120 2.19 -13.02 0.33
CA SER A 120 1.38 -12.40 1.40
C SER A 120 -0.07 -12.94 1.43
N GLN A 121 -1.07 -12.11 1.13
CA GLN A 121 -2.43 -12.64 1.14
C GLN A 121 -2.55 -13.74 0.06
N GLY A 122 -1.75 -13.61 -1.00
CA GLY A 122 -1.76 -14.59 -2.08
C GLY A 122 -1.22 -15.94 -1.66
N ALA A 123 -0.36 -15.96 -0.65
CA ALA A 123 0.21 -17.18 -0.10
C ALA A 123 -0.88 -17.90 0.70
N ALA A 124 -1.71 -17.12 1.42
CA ALA A 124 -2.81 -17.70 2.17
C ALA A 124 -3.84 -18.24 1.18
N LEU A 125 -4.06 -17.50 0.11
CA LEU A 125 -5.01 -17.89 -0.93
C LEU A 125 -4.54 -19.17 -1.61
N ALA A 126 -3.25 -19.24 -1.91
CA ALA A 126 -2.69 -20.41 -2.56
C ALA A 126 -2.85 -21.64 -1.67
N ALA A 127 -2.54 -21.48 -0.38
CA ALA A 127 -2.64 -22.57 0.58
C ALA A 127 -4.08 -23.07 0.75
N ALA A 128 -5.03 -22.13 0.84
CA ALA A 128 -6.45 -22.45 1.01
C ALA A 128 -7.01 -23.18 -0.21
N SER A 129 -6.75 -22.66 -1.40
CA SER A 129 -7.23 -23.28 -2.62
C SER A 129 -6.67 -24.70 -2.81
N ILE A 130 -5.39 -24.87 -2.53
CA ILE A 130 -4.74 -26.17 -2.66
C ILE A 130 -5.29 -27.18 -1.67
N GLU A 131 -5.52 -26.73 -0.46
CA GLU A 131 -6.10 -27.57 0.58
C GLU A 131 -7.46 -28.07 0.10
N ASP A 132 -8.26 -27.17 -0.48
CA ASP A 132 -9.61 -27.48 -0.99
C ASP A 132 -9.75 -28.23 -2.31
N LEU A 133 -8.67 -28.28 -3.11
CA LEU A 133 -8.70 -28.94 -4.40
C LEU A 133 -9.03 -30.44 -4.37
N ASP A 134 -9.60 -30.92 -5.47
CA ASP A 134 -9.91 -32.34 -5.63
C ASP A 134 -8.51 -32.98 -5.67
N SER A 135 -8.32 -34.07 -4.93
CA SER A 135 -7.02 -34.73 -4.87
C SER A 135 -6.40 -35.12 -6.21
N ALA A 136 -7.23 -35.41 -7.20
CA ALA A 136 -6.73 -35.79 -8.51
C ALA A 136 -5.97 -34.63 -9.14
N ILE A 137 -6.55 -33.43 -9.05
CA ILE A 137 -5.90 -32.24 -9.59
C ILE A 137 -4.70 -31.81 -8.76
N ARG A 138 -4.85 -31.85 -7.43
CA ARG A 138 -3.80 -31.47 -6.49
C ARG A 138 -2.55 -32.33 -6.69
N ASP A 139 -2.77 -33.54 -7.18
CA ASP A 139 -1.65 -34.44 -7.42
C ASP A 139 -0.77 -33.95 -8.53
N LYS A 140 -1.37 -33.27 -9.49
CA LYS A 140 -0.63 -32.73 -10.63
C LYS A 140 0.19 -31.47 -10.31
N ILE A 141 0.04 -30.92 -9.11
CA ILE A 141 0.80 -29.71 -8.73
C ILE A 141 2.17 -30.11 -8.22
N ALA A 142 3.15 -30.10 -9.11
CA ALA A 142 4.51 -30.53 -8.79
C ALA A 142 5.23 -29.74 -7.71
N GLY A 143 4.91 -28.46 -7.57
CA GLY A 143 5.58 -27.65 -6.57
C GLY A 143 4.85 -26.35 -6.34
N THR A 144 5.04 -25.77 -5.16
CA THR A 144 4.40 -24.50 -4.82
C THR A 144 5.38 -23.70 -4.01
N VAL A 145 5.50 -22.42 -4.33
CA VAL A 145 6.39 -21.50 -3.63
C VAL A 145 5.53 -20.42 -2.95
N LEU A 146 5.87 -20.10 -1.71
CA LEU A 146 5.11 -19.10 -0.98
C LEU A 146 6.08 -18.07 -0.42
N PHE A 147 5.74 -16.78 -0.53
CA PHE A 147 6.60 -15.73 0.01
C PHE A 147 5.81 -14.94 1.05
N GLY A 148 6.43 -14.64 2.19
CA GLY A 148 5.73 -13.86 3.22
C GLY A 148 4.38 -14.48 3.54
N TYR A 149 4.43 -15.79 3.74
CA TYR A 149 3.28 -16.61 4.05
C TYR A 149 2.63 -16.13 5.35
N THR A 150 1.48 -15.48 5.24
CA THR A 150 0.77 -14.94 6.41
C THR A 150 0.27 -15.98 7.39
N LYS A 151 0.07 -17.19 6.90
CA LYS A 151 -0.36 -18.28 7.76
C LYS A 151 0.81 -19.21 8.06
N ASN A 152 2.03 -18.72 7.92
CA ASN A 152 3.21 -19.54 8.16
C ASN A 152 3.19 -20.21 9.54
N LEU A 153 3.08 -19.41 10.59
CA LEU A 153 3.07 -19.95 11.94
C LEU A 153 1.87 -20.86 12.20
N GLN A 154 0.68 -20.40 11.85
CA GLN A 154 -0.55 -21.13 12.06
C GLN A 154 -0.58 -22.49 11.38
N ASN A 155 -0.10 -22.56 10.15
CA ASN A 155 -0.08 -23.81 9.39
C ASN A 155 1.24 -24.56 9.55
N ARG A 156 2.02 -24.19 10.57
CA ARG A 156 3.31 -24.83 10.87
C ARG A 156 4.23 -24.91 9.65
N GLY A 157 4.15 -23.90 8.80
CA GLY A 157 5.02 -23.83 7.63
C GLY A 157 4.67 -24.66 6.41
N ARG A 158 3.42 -25.08 6.29
CA ARG A 158 3.05 -25.86 5.12
C ARG A 158 1.63 -25.59 4.63
N ILE A 159 1.23 -26.34 3.62
CA ILE A 159 -0.09 -26.22 3.04
C ILE A 159 -0.83 -27.48 3.43
N PRO A 160 -2.01 -27.31 4.03
CA PRO A 160 -2.82 -28.46 4.44
C PRO A 160 -3.14 -29.39 3.28
N ASN A 161 -2.95 -30.69 3.50
CA ASN A 161 -3.24 -31.73 2.51
C ASN A 161 -2.28 -31.80 1.32
N TYR A 162 -1.19 -31.08 1.40
CA TYR A 162 -0.23 -31.07 0.29
C TYR A 162 1.13 -31.46 0.87
N PRO A 163 1.92 -32.29 0.16
CA PRO A 163 3.24 -32.74 0.61
C PRO A 163 4.25 -31.65 0.86
N ALA A 164 4.93 -31.75 1.98
CA ALA A 164 5.95 -30.79 2.36
C ALA A 164 7.09 -30.72 1.35
N ASP A 165 7.54 -31.87 0.87
CA ASP A 165 8.63 -31.89 -0.07
C ASP A 165 8.32 -31.10 -1.34
N ARG A 166 7.04 -30.78 -1.55
CA ARG A 166 6.62 -30.02 -2.72
C ARG A 166 6.43 -28.52 -2.45
N THR A 167 6.52 -28.14 -1.18
CA THR A 167 6.29 -26.76 -0.77
C THR A 167 7.58 -26.06 -0.34
N LYS A 168 7.78 -24.83 -0.83
CA LYS A 168 8.94 -24.02 -0.42
C LYS A 168 8.48 -22.66 0.07
N VAL A 169 8.77 -22.34 1.32
CA VAL A 169 8.39 -21.08 1.92
C VAL A 169 9.56 -20.11 2.08
N PHE A 170 9.38 -18.91 1.57
CA PHE A 170 10.40 -17.88 1.68
C PHE A 170 9.86 -16.86 2.69
N CYS A 171 10.50 -16.82 3.84
CA CYS A 171 10.13 -15.95 4.93
C CYS A 171 11.41 -15.29 5.45
N ASN A 172 11.55 -13.99 5.23
CA ASN A 172 12.74 -13.29 5.65
C ASN A 172 12.80 -13.09 7.15
N THR A 173 14.02 -13.00 7.65
CA THR A 173 14.26 -12.75 9.06
C THR A 173 13.69 -11.34 9.28
N GLY A 174 12.80 -11.18 10.25
CA GLY A 174 12.24 -9.88 10.50
C GLY A 174 10.91 -9.65 9.80
N ASP A 175 10.49 -10.61 8.98
CA ASP A 175 9.20 -10.46 8.34
C ASP A 175 8.22 -11.00 9.38
N LEU A 176 7.55 -10.08 10.04
CA LEU A 176 6.60 -10.39 11.10
C LEU A 176 5.38 -11.21 10.70
N VAL A 177 4.96 -11.13 9.44
CA VAL A 177 3.77 -11.90 9.00
C VAL A 177 4.01 -13.41 9.01
N CYS A 178 5.29 -13.79 9.10
CA CYS A 178 5.70 -15.20 9.14
C CYS A 178 5.66 -15.72 10.57
N THR A 179 5.57 -14.78 11.52
CA THR A 179 5.54 -15.09 12.95
C THR A 179 4.19 -14.83 13.62
N GLY A 180 3.13 -14.88 12.82
CA GLY A 180 1.79 -14.71 13.34
C GLY A 180 1.11 -13.36 13.42
N SER A 181 1.80 -12.26 13.15
CA SER A 181 1.15 -10.95 13.24
C SER A 181 1.01 -10.28 11.88
N LEU A 182 -0.04 -9.47 11.71
CA LEU A 182 -0.26 -8.77 10.45
C LEU A 182 0.39 -7.37 10.55
N ILE A 183 1.70 -7.37 10.51
CA ILE A 183 2.51 -6.16 10.63
C ILE A 183 3.49 -6.20 9.46
N VAL A 184 3.53 -5.11 8.69
CA VAL A 184 4.42 -5.02 7.53
C VAL A 184 5.68 -4.22 7.81
N ALA A 185 6.82 -4.90 7.81
CA ALA A 185 8.11 -4.27 8.00
C ALA A 185 8.88 -4.39 6.68
N ALA A 186 9.99 -3.66 6.54
CA ALA A 186 10.77 -3.73 5.30
C ALA A 186 11.15 -5.13 4.79
N PRO A 187 11.48 -6.09 5.68
CA PRO A 187 11.82 -7.43 5.16
C PRO A 187 10.70 -8.13 4.39
N HIS A 188 9.48 -7.69 4.61
CA HIS A 188 8.33 -8.25 3.92
C HIS A 188 8.34 -7.76 2.46
N LEU A 189 9.01 -6.65 2.22
CA LEU A 189 9.06 -6.10 0.88
C LEU A 189 10.35 -6.46 0.17
N ALA A 190 11.08 -7.42 0.70
CA ALA A 190 12.37 -7.79 0.14
C ALA A 190 12.46 -9.20 -0.42
N TYR A 191 11.49 -9.62 -1.23
CA TYR A 191 11.51 -10.97 -1.80
C TYR A 191 11.94 -11.05 -3.25
N GLY A 192 12.24 -9.90 -3.84
CA GLY A 192 12.66 -9.87 -5.24
C GLY A 192 13.77 -10.84 -5.61
N PRO A 193 14.85 -10.91 -4.80
CA PRO A 193 15.96 -11.84 -5.09
C PRO A 193 15.50 -13.31 -5.11
N ASP A 194 14.61 -13.68 -4.18
CA ASP A 194 14.08 -15.04 -4.12
C ASP A 194 13.24 -15.35 -5.33
N ALA A 195 12.41 -14.38 -5.70
CA ALA A 195 11.53 -14.51 -6.86
C ALA A 195 12.34 -14.63 -8.15
N ARG A 196 13.48 -13.96 -8.19
CA ARG A 196 14.34 -14.00 -9.36
C ARG A 196 15.21 -15.25 -9.42
N GLY A 197 15.50 -15.89 -8.29
CA GLY A 197 16.36 -17.05 -8.35
C GLY A 197 15.92 -18.39 -7.76
N PRO A 198 16.12 -18.58 -6.46
CA PRO A 198 15.76 -19.83 -5.77
C PRO A 198 14.31 -20.30 -5.93
N ALA A 199 13.34 -19.39 -6.03
CA ALA A 199 11.95 -19.82 -6.19
C ALA A 199 11.68 -20.55 -7.52
N PRO A 200 11.94 -19.92 -8.68
CA PRO A 200 11.70 -20.58 -9.97
C PRO A 200 12.60 -21.81 -10.17
N GLU A 201 13.78 -21.74 -9.58
CA GLU A 201 14.75 -22.80 -9.60
C GLU A 201 14.11 -24.08 -8.96
N PHE A 202 13.56 -23.94 -7.75
CA PHE A 202 12.89 -25.03 -7.06
C PHE A 202 11.74 -25.57 -7.92
N LEU A 203 10.93 -24.67 -8.48
CA LEU A 203 9.81 -25.08 -9.32
C LEU A 203 10.25 -25.90 -10.53
N ILE A 204 11.27 -25.42 -11.26
CA ILE A 204 11.82 -26.10 -12.45
C ILE A 204 12.31 -27.51 -12.07
N GLU A 205 13.02 -27.58 -10.96
CA GLU A 205 13.52 -28.85 -10.46
C GLU A 205 12.36 -29.80 -10.21
N LYS A 206 11.28 -29.36 -9.58
CA LYS A 206 10.16 -30.27 -9.33
C LYS A 206 9.43 -30.70 -10.62
N VAL A 207 9.29 -29.78 -11.58
CA VAL A 207 8.63 -30.14 -12.84
C VAL A 207 9.51 -31.15 -13.59
N ARG A 208 10.82 -30.92 -13.56
CA ARG A 208 11.76 -31.79 -14.24
C ARG A 208 11.74 -33.19 -13.62
N ALA A 209 11.54 -33.26 -12.30
CA ALA A 209 11.49 -34.54 -11.62
C ALA A 209 10.27 -35.36 -12.08
N VAL A 210 9.15 -34.71 -12.39
CA VAL A 210 7.98 -35.46 -12.83
C VAL A 210 7.85 -35.61 -14.34
N ARG A 211 8.64 -34.84 -15.09
CA ARG A 211 8.59 -34.95 -16.54
C ARG A 211 9.88 -35.45 -17.15
N GLY A 212 11.00 -34.92 -16.64
CA GLY A 212 12.32 -35.30 -17.13
C GLY A 212 12.76 -34.42 -18.29
N SER A 213 12.95 -35.05 -19.45
CA SER A 213 13.36 -34.36 -20.68
C SER A 213 13.18 -35.34 -21.87
N ARG B 17 -13.89 12.90 -4.50
CA ARG B 17 -13.56 14.20 -3.85
C ARG B 17 -12.19 14.19 -3.15
N THR B 18 -11.29 13.36 -3.67
CA THR B 18 -9.96 13.23 -3.12
C THR B 18 -8.94 14.19 -3.74
N THR B 19 -9.41 15.02 -4.67
CA THR B 19 -8.56 16.02 -5.31
C THR B 19 -9.17 17.40 -5.13
N ARG B 20 -8.42 18.30 -4.51
CA ARG B 20 -8.87 19.68 -4.32
C ARG B 20 -7.72 20.61 -4.65
N ASP B 21 -8.00 21.61 -5.50
CA ASP B 21 -6.98 22.59 -5.93
C ASP B 21 -7.58 24.00 -5.88
N ASP B 22 -8.32 24.31 -4.81
CA ASP B 22 -8.98 25.60 -4.64
C ASP B 22 -8.03 26.80 -4.69
N LEU B 23 -6.81 26.62 -4.17
CA LEU B 23 -5.83 27.68 -4.18
C LEU B 23 -5.32 27.92 -5.60
N ILE B 24 -4.84 26.88 -6.27
CA ILE B 24 -4.35 27.04 -7.65
C ILE B 24 -5.48 27.55 -8.59
N ASN B 25 -6.67 26.94 -8.47
CA ASN B 25 -7.79 27.31 -9.32
C ASN B 25 -8.41 28.65 -8.95
N GLY B 26 -8.41 28.94 -7.66
CA GLY B 26 -9.00 30.14 -7.09
C GLY B 26 -8.82 31.46 -7.77
N ASN B 27 -9.93 32.16 -7.95
CA ASN B 27 -9.90 33.47 -8.58
C ASN B 27 -9.30 34.44 -7.57
N SER B 28 -8.21 35.10 -7.93
CA SER B 28 -7.52 36.00 -7.00
C SER B 28 -8.36 37.07 -6.33
N ALA B 29 -9.31 37.65 -7.06
CA ALA B 29 -10.17 38.68 -6.46
C ALA B 29 -11.20 38.08 -5.50
N SER B 30 -11.31 36.75 -5.45
CA SER B 30 -12.27 36.04 -4.58
C SER B 30 -11.61 35.26 -3.44
N CYS B 31 -10.42 35.68 -3.03
CA CYS B 31 -9.71 35.00 -1.96
C CYS B 31 -10.57 34.58 -0.76
N ALA B 32 -10.33 33.38 -0.24
CA ALA B 32 -11.05 32.89 0.94
C ALA B 32 -10.31 33.42 2.17
N ASP B 33 -10.99 33.51 3.32
CA ASP B 33 -10.36 33.99 4.55
C ASP B 33 -9.46 32.91 5.17
N VAL B 34 -9.71 31.66 4.82
CA VAL B 34 -8.94 30.53 5.35
C VAL B 34 -8.47 29.59 4.23
N ILE B 35 -7.19 29.21 4.25
CA ILE B 35 -6.63 28.31 3.25
C ILE B 35 -5.99 27.13 3.96
N PHE B 36 -6.45 25.92 3.63
CA PHE B 36 -5.94 24.69 4.22
C PHE B 36 -5.08 23.92 3.20
N ILE B 37 -3.81 23.72 3.53
CA ILE B 37 -2.88 22.98 2.68
C ILE B 37 -2.60 21.60 3.33
N TYR B 38 -2.90 20.52 2.62
CA TYR B 38 -2.78 19.16 3.18
C TYR B 38 -1.98 18.17 2.33
N ALA B 39 -1.09 17.42 2.98
CA ALA B 39 -0.27 16.42 2.29
C ALA B 39 -0.75 15.00 2.67
N ARG B 40 -1.03 14.17 1.67
CA ARG B 40 -1.52 12.82 1.91
C ARG B 40 -0.39 11.84 2.28
N GLY B 41 -0.77 10.60 2.59
CA GLY B 41 0.21 9.58 2.90
C GLY B 41 0.68 8.83 1.66
N SER B 42 1.77 8.07 1.80
CA SER B 42 2.30 7.28 0.67
C SER B 42 1.22 6.34 0.10
N THR B 43 1.21 6.27 -1.22
CA THR B 43 0.30 5.42 -2.06
C THR B 43 -1.13 5.94 -2.05
N GLU B 44 -1.50 6.96 -1.28
CA GLU B 44 -2.86 7.49 -1.32
C GLU B 44 -3.18 8.17 -2.64
N THR B 45 -4.47 8.16 -2.99
CA THR B 45 -4.92 8.73 -4.24
C THR B 45 -5.30 10.21 -4.19
N GLY B 46 -5.34 10.81 -5.37
CA GLY B 46 -5.68 12.22 -5.50
C GLY B 46 -4.64 13.01 -4.75
N ASN B 47 -5.02 14.16 -4.23
CA ASN B 47 -4.05 14.90 -3.44
C ASN B 47 -4.50 15.06 -2.00
N LEU B 48 -5.64 14.44 -1.67
CA LEU B 48 -6.16 14.49 -0.30
C LEU B 48 -6.10 13.13 0.40
N GLY B 49 -6.00 12.04 -0.35
CA GLY B 49 -5.99 10.71 0.26
C GLY B 49 -7.29 10.39 0.98
N THR B 50 -7.22 9.56 2.03
CA THR B 50 -8.39 9.17 2.81
C THR B 50 -8.87 10.12 3.91
N LEU B 51 -7.94 10.77 4.61
CA LEU B 51 -8.32 11.66 5.72
C LEU B 51 -8.68 13.09 5.29
N GLY B 52 -8.03 13.57 4.24
CA GLY B 52 -8.27 14.91 3.73
C GLY B 52 -9.71 15.31 3.50
N PRO B 53 -10.54 14.55 2.75
CA PRO B 53 -11.95 14.90 2.50
C PRO B 53 -12.81 15.15 3.75
N SER B 54 -12.61 14.36 4.79
CA SER B 54 -13.35 14.49 6.04
C SER B 54 -13.00 15.79 6.72
N ILE B 55 -11.73 16.14 6.71
CA ILE B 55 -11.31 17.40 7.34
C ILE B 55 -11.91 18.58 6.56
N ALA B 56 -11.84 18.52 5.23
CA ALA B 56 -12.36 19.58 4.36
C ALA B 56 -13.84 19.83 4.62
N SER B 57 -14.63 18.76 4.69
CA SER B 57 -16.07 18.87 4.94
C SER B 57 -16.41 19.54 6.26
N ASN B 58 -15.63 19.25 7.29
CA ASN B 58 -15.84 19.89 8.57
C ASN B 58 -15.53 21.39 8.44
N LEU B 59 -14.40 21.71 7.84
CA LEU B 59 -13.97 23.10 7.67
C LEU B 59 -15.01 23.86 6.87
N GLU B 60 -15.49 23.27 5.79
CA GLU B 60 -16.51 23.87 4.96
C GLU B 60 -17.79 24.15 5.73
N SER B 61 -18.17 23.27 6.65
CA SER B 61 -19.39 23.51 7.42
C SER B 61 -19.19 24.65 8.38
N ALA B 62 -17.97 24.79 8.92
CA ALA B 62 -17.68 25.85 9.89
C ALA B 62 -17.46 27.23 9.28
N PHE B 63 -16.80 27.29 8.14
CA PHE B 63 -16.50 28.58 7.51
C PHE B 63 -17.32 28.84 6.25
N GLY B 64 -18.07 27.83 5.81
CA GLY B 64 -18.85 27.94 4.60
C GLY B 64 -17.98 27.58 3.41
N LYS B 65 -18.60 27.13 2.33
CA LYS B 65 -17.87 26.74 1.12
C LYS B 65 -17.01 27.87 0.52
N ASP B 66 -17.45 29.12 0.65
CA ASP B 66 -16.68 30.25 0.11
C ASP B 66 -15.70 30.82 1.13
N GLY B 67 -15.85 30.39 2.38
CA GLY B 67 -14.98 30.89 3.42
C GLY B 67 -13.65 30.18 3.55
N VAL B 68 -13.51 29.01 2.93
CA VAL B 68 -12.27 28.25 3.04
C VAL B 68 -11.86 27.62 1.71
N TRP B 69 -10.56 27.67 1.39
CA TRP B 69 -10.05 27.05 0.18
C TRP B 69 -9.25 25.83 0.63
N ILE B 70 -9.54 24.66 0.08
CA ILE B 70 -8.76 23.49 0.47
C ILE B 70 -7.87 23.08 -0.70
N GLN B 71 -6.58 22.89 -0.39
CA GLN B 71 -5.57 22.59 -1.39
C GLN B 71 -4.71 21.39 -0.98
N GLY B 72 -4.76 20.30 -1.75
CA GLY B 72 -3.93 19.16 -1.44
C GLY B 72 -2.57 19.37 -2.07
N VAL B 73 -1.54 18.67 -1.58
CA VAL B 73 -0.21 18.83 -2.16
C VAL B 73 -0.05 17.80 -3.29
N GLY B 74 -0.08 18.30 -4.52
CA GLY B 74 0.06 17.42 -5.67
C GLY B 74 1.38 17.64 -6.36
N GLY B 75 1.33 17.84 -7.67
CA GLY B 75 2.53 18.10 -8.45
C GLY B 75 3.66 17.10 -8.26
N ALA B 76 4.79 17.61 -7.78
CA ALA B 76 5.99 16.80 -7.57
C ALA B 76 5.91 15.83 -6.41
N TYR B 77 4.94 16.00 -5.51
CA TYR B 77 4.83 15.09 -4.39
C TYR B 77 4.15 13.82 -4.88
N ARG B 78 4.95 12.78 -5.06
CA ARG B 78 4.42 11.53 -5.55
C ARG B 78 4.01 10.52 -4.46
N ALA B 79 4.26 10.87 -3.21
CA ALA B 79 3.91 10.01 -2.07
C ALA B 79 4.41 8.56 -2.29
N THR B 80 5.69 8.46 -2.63
CA THR B 80 6.35 7.18 -2.91
C THR B 80 6.73 6.52 -1.60
N LEU B 81 6.60 5.20 -1.57
CA LEU B 81 6.92 4.43 -0.38
C LEU B 81 8.39 4.55 0.03
N GLY B 82 9.28 4.53 -0.96
CA GLY B 82 10.72 4.61 -0.73
C GLY B 82 11.24 5.92 -0.17
N ASP B 83 10.57 7.01 -0.47
CA ASP B 83 11.03 8.31 0.04
C ASP B 83 10.99 8.43 1.56
N ASN B 84 10.22 7.57 2.22
CA ASN B 84 10.14 7.58 3.70
C ASN B 84 11.51 7.32 4.33
N ALA B 85 12.38 6.64 3.59
CA ALA B 85 13.70 6.33 4.12
C ALA B 85 14.71 7.46 3.94
N LEU B 86 14.32 8.53 3.21
CA LEU B 86 15.25 9.65 3.06
C LEU B 86 15.42 10.36 4.42
N PRO B 87 16.49 11.16 4.61
CA PRO B 87 16.81 11.82 5.89
C PRO B 87 15.68 12.59 6.53
N ARG B 88 14.94 13.32 5.75
CA ARG B 88 13.85 14.13 6.34
C ARG B 88 12.49 13.45 6.19
N GLY B 89 12.48 12.20 5.77
CA GLY B 89 11.24 11.44 5.68
C GLY B 89 10.43 11.65 4.41
N THR B 90 10.98 12.39 3.45
CA THR B 90 10.33 12.66 2.15
C THR B 90 11.41 13.24 1.24
N SER B 91 11.07 13.45 -0.04
CA SER B 91 11.99 13.99 -1.03
C SER B 91 12.09 15.53 -1.05
N SER B 92 13.23 16.04 -1.52
CA SER B 92 13.47 17.47 -1.67
C SER B 92 12.45 18.08 -2.63
N ALA B 93 12.05 17.33 -3.66
CA ALA B 93 11.09 17.78 -4.65
C ALA B 93 9.73 18.02 -4.02
N ALA B 94 9.36 17.13 -3.10
CA ALA B 94 8.09 17.25 -2.41
C ALA B 94 8.11 18.48 -1.49
N ILE B 95 9.21 18.68 -0.78
CA ILE B 95 9.33 19.81 0.12
C ILE B 95 9.21 21.12 -0.68
N ARG B 96 9.85 21.16 -1.85
CA ARG B 96 9.78 22.34 -2.68
C ARG B 96 8.32 22.62 -3.08
N GLU B 97 7.62 21.58 -3.51
CA GLU B 97 6.21 21.69 -3.92
C GLU B 97 5.30 22.28 -2.82
N MET B 98 5.37 21.74 -1.59
CA MET B 98 4.53 22.24 -0.51
C MET B 98 4.90 23.66 -0.09
N LEU B 99 6.19 23.93 0.05
CA LEU B 99 6.71 25.26 0.39
C LEU B 99 6.17 26.24 -0.70
N GLY B 100 6.24 25.80 -1.96
CA GLY B 100 5.74 26.57 -3.08
C GLY B 100 4.25 26.90 -2.91
N LEU B 101 3.45 25.97 -2.37
CA LEU B 101 2.01 26.25 -2.13
C LEU B 101 1.80 27.30 -1.00
N PHE B 102 2.60 27.25 0.07
CA PHE B 102 2.46 28.26 1.13
C PHE B 102 2.80 29.63 0.56
N GLN B 103 3.85 29.70 -0.27
CA GLN B 103 4.25 30.96 -0.88
C GLN B 103 3.17 31.48 -1.81
N GLN B 104 2.58 30.60 -2.60
CA GLN B 104 1.54 31.03 -3.50
C GLN B 104 0.33 31.56 -2.72
N ALA B 105 0.02 30.96 -1.58
CA ALA B 105 -1.11 31.39 -0.75
C ALA B 105 -0.84 32.76 -0.14
N ASN B 106 0.40 32.97 0.31
CA ASN B 106 0.81 34.22 0.93
C ASN B 106 0.74 35.36 -0.11
N THR B 107 1.11 35.05 -1.35
CA THR B 107 1.09 36.03 -2.42
C THR B 107 -0.29 36.27 -3.01
N LYS B 108 -1.03 35.21 -3.29
CA LYS B 108 -2.37 35.37 -3.86
C LYS B 108 -3.38 35.92 -2.86
N CYS B 109 -3.30 35.51 -1.60
CA CYS B 109 -4.24 35.95 -0.58
C CYS B 109 -3.55 36.35 0.73
N PRO B 110 -2.90 37.53 0.76
CA PRO B 110 -2.18 38.04 1.94
C PRO B 110 -3.00 38.12 3.23
N ASP B 111 -4.31 38.36 3.15
CA ASP B 111 -5.13 38.43 4.36
C ASP B 111 -5.63 37.07 4.89
N ALA B 112 -5.43 35.99 4.14
CA ALA B 112 -5.91 34.68 4.57
C ALA B 112 -5.14 34.10 5.70
N THR B 113 -5.87 33.44 6.59
CA THR B 113 -5.23 32.72 7.69
C THR B 113 -4.90 31.33 7.11
N LEU B 114 -3.72 30.81 7.43
CA LEU B 114 -3.34 29.51 6.89
C LEU B 114 -3.40 28.39 7.94
N ILE B 115 -3.75 27.19 7.48
CA ILE B 115 -3.78 25.99 8.33
C ILE B 115 -3.22 24.84 7.49
N ALA B 116 -2.68 23.82 8.14
CA ALA B 116 -2.08 22.72 7.40
C ALA B 116 -2.18 21.40 8.14
N GLY B 117 -1.82 20.34 7.43
CA GLY B 117 -1.86 19.02 8.02
C GLY B 117 -1.21 18.01 7.11
N GLY B 118 -0.96 16.83 7.64
CA GLY B 118 -0.37 15.78 6.84
C GLY B 118 -0.56 14.44 7.52
N TYR B 119 -0.56 13.38 6.74
CA TYR B 119 -0.69 12.03 7.28
C TYR B 119 0.53 11.20 6.86
N SER B 120 1.18 10.53 7.81
CA SER B 120 2.32 9.66 7.54
C SER B 120 3.46 10.38 6.80
N GLN B 121 3.76 10.01 5.55
CA GLN B 121 4.83 10.72 4.82
C GLN B 121 4.42 12.19 4.71
N GLY B 122 3.12 12.43 4.52
CA GLY B 122 2.60 13.79 4.43
C GLY B 122 2.82 14.59 5.71
N ALA B 123 2.90 13.91 6.85
CA ALA B 123 3.16 14.58 8.13
C ALA B 123 4.65 15.04 8.19
N ALA B 124 5.57 14.18 7.74
CA ALA B 124 7.00 14.54 7.70
C ALA B 124 7.20 15.69 6.70
N LEU B 125 6.47 15.64 5.59
CA LEU B 125 6.57 16.65 4.56
C LEU B 125 6.10 18.00 5.14
N ALA B 126 4.99 17.95 5.87
CA ALA B 126 4.40 19.13 6.50
C ALA B 126 5.43 19.76 7.46
N ALA B 127 6.04 18.92 8.29
CA ALA B 127 7.01 19.37 9.26
C ALA B 127 8.24 19.99 8.61
N ALA B 128 8.73 19.35 7.55
CA ALA B 128 9.92 19.82 6.83
C ALA B 128 9.69 21.15 6.11
N SER B 129 8.55 21.26 5.43
CA SER B 129 8.16 22.47 4.71
C SER B 129 8.01 23.67 5.64
N ILE B 130 7.33 23.45 6.77
CA ILE B 130 7.09 24.50 7.76
C ILE B 130 8.42 24.94 8.37
N GLU B 131 9.28 23.98 8.65
CA GLU B 131 10.59 24.27 9.21
C GLU B 131 11.41 25.19 8.26
N ASP B 132 11.34 24.92 6.96
CA ASP B 132 12.08 25.69 5.96
C ASP B 132 11.44 26.99 5.53
N LEU B 133 10.20 27.23 5.92
CA LEU B 133 9.51 28.45 5.54
C LEU B 133 10.12 29.71 6.15
N ASP B 134 10.00 30.80 5.40
CA ASP B 134 10.42 32.12 5.86
C ASP B 134 9.50 32.39 7.05
N SER B 135 10.05 32.84 8.17
CA SER B 135 9.26 33.11 9.37
C SER B 135 8.01 33.95 9.18
N ALA B 136 8.03 34.87 8.21
CA ALA B 136 6.88 35.74 7.92
C ALA B 136 5.65 34.95 7.52
N ILE B 137 5.84 33.98 6.62
CA ILE B 137 4.73 33.14 6.18
C ILE B 137 4.35 32.13 7.28
N ARG B 138 5.37 31.53 7.93
CA ARG B 138 5.16 30.55 9.00
C ARG B 138 4.33 31.09 10.15
N ASP B 139 4.42 32.40 10.42
CA ASP B 139 3.61 33.01 11.49
C ASP B 139 2.11 33.05 11.12
N LYS B 140 1.82 33.02 9.82
CA LYS B 140 0.44 33.01 9.30
C LYS B 140 -0.25 31.64 9.47
N ILE B 141 0.51 30.58 9.76
CA ILE B 141 -0.07 29.25 9.95
C ILE B 141 -0.60 29.12 11.38
N ALA B 142 -1.91 29.26 11.54
CA ALA B 142 -2.52 29.24 12.86
C ALA B 142 -2.49 27.89 13.59
N GLY B 143 -2.50 26.81 12.83
CA GLY B 143 -2.48 25.50 13.43
C GLY B 143 -2.13 24.43 12.41
N THR B 144 -1.49 23.35 12.88
CA THR B 144 -1.11 22.25 12.01
C THR B 144 -1.45 20.93 12.70
N VAL B 145 -2.08 20.00 11.98
CA VAL B 145 -2.41 18.67 12.54
C VAL B 145 -1.59 17.60 11.81
N LEU B 146 -0.99 16.71 12.60
CA LEU B 146 -0.18 15.62 12.06
C LEU B 146 -0.71 14.24 12.49
N PHE B 147 -0.99 13.38 11.52
CA PHE B 147 -1.50 12.03 11.80
C PHE B 147 -0.39 11.01 11.51
N GLY B 148 -0.19 10.04 12.40
CA GLY B 148 0.83 9.01 12.18
C GLY B 148 2.14 9.65 11.76
N TYR B 149 2.63 10.54 12.61
CA TYR B 149 3.84 11.33 12.39
C TYR B 149 5.13 10.49 12.40
N THR B 150 5.69 10.25 11.22
CA THR B 150 6.88 9.43 11.07
C THR B 150 8.12 9.95 11.78
N LYS B 151 8.15 11.25 12.08
CA LYS B 151 9.29 11.82 12.79
C LYS B 151 8.90 12.22 14.19
N ASN B 152 7.82 11.64 14.70
CA ASN B 152 7.35 11.93 16.06
C ASN B 152 8.45 11.74 17.12
N LEU B 153 9.11 10.57 17.14
CA LEU B 153 10.14 10.33 18.14
C LEU B 153 11.33 11.26 17.93
N GLN B 154 11.81 11.28 16.69
CA GLN B 154 12.95 12.09 16.26
C GLN B 154 12.84 13.60 16.56
N ASN B 155 11.65 14.18 16.37
CA ASN B 155 11.43 15.61 16.60
C ASN B 155 10.81 15.89 17.97
N ARG B 156 10.76 14.85 18.80
CA ARG B 156 10.19 14.91 20.14
C ARG B 156 8.77 15.47 20.12
N GLY B 157 7.99 15.01 19.13
CA GLY B 157 6.60 15.42 18.97
C GLY B 157 6.40 16.84 18.50
N ARG B 158 7.44 17.46 17.96
CA ARG B 158 7.37 18.85 17.52
C ARG B 158 7.65 19.04 16.05
N ILE B 159 7.34 20.23 15.55
CA ILE B 159 7.68 20.61 14.17
C ILE B 159 8.79 21.61 14.46
N PRO B 160 10.01 21.39 13.93
CA PRO B 160 11.10 22.32 14.17
C PRO B 160 10.74 23.77 13.78
N ASN B 161 11.03 24.71 14.69
CA ASN B 161 10.79 26.15 14.49
C ASN B 161 9.34 26.59 14.48
N TYR B 162 8.44 25.71 14.91
CA TYR B 162 7.04 26.04 14.96
C TYR B 162 6.54 25.80 16.38
N PRO B 163 5.68 26.68 16.91
CA PRO B 163 5.13 26.57 18.26
C PRO B 163 4.38 25.27 18.55
N ALA B 164 4.66 24.69 19.71
CA ALA B 164 3.98 23.46 20.16
C ALA B 164 2.47 23.69 20.35
N ASP B 165 2.10 24.88 20.83
CA ASP B 165 0.70 25.19 21.03
C ASP B 165 -0.10 25.28 19.72
N ARG B 166 0.60 25.40 18.59
CA ARG B 166 -0.09 25.46 17.29
C ARG B 166 -0.06 24.11 16.58
N THR B 167 0.50 23.11 17.25
CA THR B 167 0.65 21.77 16.71
C THR B 167 -0.21 20.72 17.41
N LYS B 168 -0.90 19.87 16.65
CA LYS B 168 -1.62 18.78 17.28
C LYS B 168 -1.22 17.44 16.63
N VAL B 169 -0.56 16.58 17.41
CA VAL B 169 -0.12 15.27 16.91
C VAL B 169 -1.05 14.15 17.37
N PHE B 170 -1.50 13.36 16.39
CA PHE B 170 -2.36 12.21 16.59
C PHE B 170 -1.47 10.98 16.30
N CYS B 171 -1.07 10.28 17.36
CA CYS B 171 -0.23 9.09 17.29
C CYS B 171 -0.89 8.02 18.15
N ASN B 172 -1.46 7.01 17.48
CA ASN B 172 -2.15 5.90 18.16
C ASN B 172 -1.20 4.97 18.89
N THR B 173 -1.68 4.38 19.97
CA THR B 173 -0.88 3.41 20.71
C THR B 173 -0.72 2.25 19.74
N GLY B 174 0.50 1.74 19.58
CA GLY B 174 0.69 0.64 18.66
C GLY B 174 1.03 1.07 17.25
N ASP B 175 0.98 2.37 16.98
CA ASP B 175 1.37 2.85 15.67
C ASP B 175 2.87 3.05 15.81
N LEU B 176 3.62 2.08 15.27
CA LEU B 176 5.08 2.07 15.32
C LEU B 176 5.84 3.19 14.60
N VAL B 177 5.20 3.91 13.67
CA VAL B 177 5.91 5.00 12.99
C VAL B 177 6.09 6.18 13.96
N CYS B 178 5.30 6.20 15.03
CA CYS B 178 5.36 7.25 16.05
C CYS B 178 6.46 7.00 17.09
N THR B 179 6.93 5.76 17.17
CA THR B 179 7.99 5.39 18.08
C THR B 179 9.32 5.12 17.35
N GLY B 180 9.50 5.74 16.20
CA GLY B 180 10.74 5.63 15.47
C GLY B 180 11.00 4.51 14.48
N SER B 181 9.98 3.75 14.10
CA SER B 181 10.19 2.66 13.15
C SER B 181 9.38 2.87 11.91
N LEU B 182 9.87 2.41 10.78
CA LEU B 182 9.09 2.51 9.56
C LEU B 182 8.39 1.15 9.44
N ILE B 183 7.48 0.89 10.36
CA ILE B 183 6.73 -0.36 10.41
C ILE B 183 5.24 -0.04 10.44
N VAL B 184 4.48 -0.66 9.54
CA VAL B 184 3.06 -0.40 9.46
C VAL B 184 2.18 -1.49 10.10
N ALA B 185 1.47 -1.11 11.16
CA ALA B 185 0.55 -2.01 11.86
C ALA B 185 -0.85 -1.40 11.75
N ALA B 186 -1.87 -2.16 12.10
CA ALA B 186 -3.27 -1.71 12.03
C ALA B 186 -3.58 -0.32 12.61
N PRO B 187 -3.09 0.00 13.84
CA PRO B 187 -3.39 1.32 14.42
C PRO B 187 -2.99 2.52 13.51
N HIS B 188 -2.07 2.27 12.58
CA HIS B 188 -1.60 3.30 11.65
C HIS B 188 -2.67 3.66 10.63
N LEU B 189 -3.61 2.76 10.43
CA LEU B 189 -4.67 3.01 9.46
C LEU B 189 -5.94 3.37 10.20
N ALA B 190 -5.82 3.77 11.46
CA ALA B 190 -7.00 4.07 12.26
C ALA B 190 -7.19 5.55 12.70
N TYR B 191 -6.92 6.49 11.78
CA TYR B 191 -7.06 7.93 12.08
C TYR B 191 -8.35 8.60 11.60
N GLY B 192 -9.19 7.85 10.87
CA GLY B 192 -10.46 8.38 10.38
C GLY B 192 -11.29 9.15 11.41
N PRO B 193 -11.49 8.60 12.62
CA PRO B 193 -12.26 9.27 13.65
C PRO B 193 -11.63 10.61 14.05
N ASP B 194 -10.30 10.65 14.13
CA ASP B 194 -9.59 11.87 14.48
C ASP B 194 -9.80 12.92 13.38
N ALA B 195 -9.73 12.46 12.13
CA ALA B 195 -9.90 13.33 10.98
C ALA B 195 -11.33 13.89 10.92
N ARG B 196 -12.28 13.13 11.45
CA ARG B 196 -13.69 13.53 11.46
C ARG B 196 -14.10 14.44 12.61
N GLY B 197 -13.32 14.45 13.68
CA GLY B 197 -13.74 15.29 14.78
C GLY B 197 -12.69 16.18 15.39
N PRO B 198 -11.88 15.63 16.29
CA PRO B 198 -10.84 16.42 16.95
C PRO B 198 -9.86 17.22 16.07
N ALA B 199 -9.40 16.65 14.95
CA ALA B 199 -8.46 17.39 14.09
C ALA B 199 -9.13 18.67 13.56
N PRO B 200 -10.25 18.57 12.83
CA PRO B 200 -10.85 19.82 12.36
C PRO B 200 -11.22 20.79 13.47
N GLU B 201 -11.69 20.29 14.62
CA GLU B 201 -12.05 21.18 15.73
C GLU B 201 -10.90 22.04 16.23
N PHE B 202 -9.73 21.44 16.36
CA PHE B 202 -8.55 22.14 16.81
C PHE B 202 -8.22 23.25 15.83
N LEU B 203 -8.26 22.93 14.53
CA LEU B 203 -7.95 23.92 13.47
C LEU B 203 -8.92 25.11 13.40
N ILE B 204 -10.21 24.84 13.57
CA ILE B 204 -11.21 25.89 13.53
C ILE B 204 -11.01 26.82 14.72
N GLU B 205 -10.72 26.20 15.85
CA GLU B 205 -10.48 26.88 17.10
C GLU B 205 -9.25 27.80 17.01
N LYS B 206 -8.22 27.36 16.30
CA LYS B 206 -7.03 28.19 16.13
C LYS B 206 -7.29 29.33 15.16
N VAL B 207 -8.12 29.08 14.16
CA VAL B 207 -8.46 30.12 13.20
C VAL B 207 -9.30 31.18 13.89
N ARG B 208 -10.35 30.76 14.60
CA ARG B 208 -11.21 31.70 15.29
C ARG B 208 -10.46 32.53 16.32
N ALA B 209 -9.44 31.95 16.94
CA ALA B 209 -8.68 32.70 17.93
C ALA B 209 -7.90 33.88 17.33
N VAL B 210 -7.48 33.78 16.07
CA VAL B 210 -6.72 34.85 15.43
C VAL B 210 -7.55 35.80 14.57
N ARG B 211 -8.63 35.31 13.96
CA ARG B 211 -9.49 36.12 13.12
C ARG B 211 -10.73 36.59 13.89
N GLY B 212 -11.01 35.93 15.01
CA GLY B 212 -12.18 36.27 15.81
C GLY B 212 -13.51 35.87 15.16
N SER B 213 -14.48 36.78 15.30
CA SER B 213 -15.84 36.66 14.77
C SER B 213 -16.65 37.77 15.44
#